data_6YZC
#
_entry.id   6YZC
#
_cell.length_a   54.614
_cell.length_b   54.614
_cell.length_c   107.478
_cell.angle_alpha   90.000
_cell.angle_beta   90.000
_cell.angle_gamma   120.000
#
_symmetry.space_group_name_H-M   'P 31 2 1'
#
loop_
_entity.id
_entity.type
_entity.pdbx_description
1 polymer 'Cationic trypsin'
2 non-polymer 'CALCIUM ION'
3 non-polymer 'TRANS-4-AMINOMETHYLCYCLOHEXANE-1-CARBOXYLIC ACID'
4 non-polymer 1,2-ETHANEDIOL
5 water water
#
_entity_poly.entity_id   1
_entity_poly.type   'polypeptide(L)'
_entity_poly.pdbx_seq_one_letter_code
;IVGGYTCGANTVPYQVSLNSGYHFCGGSLINSQWVVSAAHCYKSGIQVRLGEDNINVVEGNEQFISASKSIVHPSYNSNT
LNNDIMLIKLKSAASLNSRVASISLPTSCASAGTQCLISGWGNTKSSGTSYPDVLKCLKAPILSDSSCKSAYPGQITSNM
FCAGYLEGGKDSCQGDSGGPVVCSGKLQGIVSWGSGCAQKNKPGVYTKVCNYVSWIKQTIASN
;
_entity_poly.pdbx_strand_id   A
#
loop_
_chem_comp.id
_chem_comp.type
_chem_comp.name
_chem_comp.formula
AMH non-polymer 'TRANS-4-AMINOMETHYLCYCLOHEXANE-1-CARBOXYLIC ACID' 'C8 H15 N O2'
CA non-polymer 'CALCIUM ION' 'Ca 2'
EDO non-polymer 1,2-ETHANEDIOL 'C2 H6 O2'
#
# COMPACT_ATOMS: atom_id res chain seq x y z
N ILE A 1 0.87 9.90 5.34
CA ILE A 1 -0.47 10.36 5.00
C ILE A 1 -0.57 11.81 5.42
N VAL A 2 -0.94 12.69 4.48
CA VAL A 2 -1.15 14.11 4.75
C VAL A 2 -2.65 14.37 4.82
N GLY A 3 -3.11 15.06 5.86
CA GLY A 3 -4.50 15.46 5.96
C GLY A 3 -5.44 14.34 6.34
N GLY A 4 -4.92 13.28 6.92
CA GLY A 4 -5.72 12.15 7.37
C GLY A 4 -5.96 12.21 8.86
N TYR A 5 -6.23 11.03 9.44
CA TYR A 5 -6.56 10.96 10.85
C TYR A 5 -5.91 9.72 11.44
N THR A 6 -5.76 9.70 12.75
CA THR A 6 -5.26 8.52 13.43
C THR A 6 -6.28 7.39 13.32
N CYS A 7 -5.87 6.28 12.71
CA CYS A 7 -6.83 5.20 12.45
C CYS A 7 -7.44 4.69 13.74
N GLY A 8 -6.60 4.48 14.75
CA GLY A 8 -6.96 3.72 15.92
C GLY A 8 -6.24 2.39 15.86
N ALA A 9 -5.76 1.93 17.01
CA ALA A 9 -4.90 0.74 17.06
C ALA A 9 -5.60 -0.47 16.46
N ASN A 10 -4.97 -1.07 15.45
CA ASN A 10 -5.38 -2.34 14.86
C ASN A 10 -6.71 -2.28 14.14
N THR A 11 -7.15 -1.07 13.75
CA THR A 11 -8.40 -0.93 13.00
C THR A 11 -8.20 -1.18 11.52
N VAL A 12 -6.97 -1.35 11.06
CA VAL A 12 -6.65 -1.71 9.68
C VAL A 12 -5.80 -2.97 9.76
N PRO A 13 -6.40 -4.11 10.10
CA PRO A 13 -5.60 -5.27 10.54
C PRO A 13 -4.82 -5.95 9.43
N TYR A 14 -5.07 -5.62 8.17
CA TYR A 14 -4.29 -6.11 7.03
C TYR A 14 -3.08 -5.24 6.72
N GLN A 15 -2.93 -4.08 7.38
CA GLN A 15 -1.78 -3.21 7.13
C GLN A 15 -0.55 -3.80 7.79
N VAL A 16 0.53 -3.93 7.01
CA VAL A 16 1.80 -4.35 7.57
C VAL A 16 2.83 -3.24 7.34
N SER A 17 3.88 -3.29 8.16
CA SER A 17 5.07 -2.47 8.01
C SER A 17 6.19 -3.40 7.54
N LEU A 18 6.91 -2.99 6.51
CA LEU A 18 8.12 -3.68 6.09
C LEU A 18 9.32 -3.01 6.76
N ASN A 19 10.14 -3.80 7.41
CA ASN A 19 11.20 -3.30 8.30
C ASN A 19 12.51 -3.94 7.88
N SER A 20 13.54 -3.11 7.68
CA SER A 20 14.89 -3.60 7.43
C SER A 20 15.87 -2.93 8.36
N GLY A 21 15.50 -2.90 9.65
CA GLY A 21 16.17 -2.10 10.66
C GLY A 21 15.40 -0.86 11.04
N TYR A 22 14.34 -0.57 10.31
CA TYR A 22 13.54 0.64 10.37
C TYR A 22 12.40 0.39 9.39
N HIS A 23 11.29 1.09 9.61
CA HIS A 23 10.16 1.03 8.68
C HIS A 23 10.55 1.70 7.37
N PHE A 24 10.31 1.04 6.25
CA PHE A 24 10.57 1.68 4.96
C PHE A 24 9.43 1.60 3.96
N CYS A 25 8.42 0.80 4.20
CA CYS A 25 7.30 0.69 3.26
C CYS A 25 6.15 0.02 3.98
N GLY A 26 4.96 0.22 3.43
CA GLY A 26 3.80 -0.54 3.83
C GLY A 26 3.62 -1.78 2.96
N GLY A 27 2.60 -2.55 3.32
CA GLY A 27 2.14 -3.70 2.55
C GLY A 27 0.81 -4.14 3.09
N SER A 28 0.24 -5.16 2.45
CA SER A 28 -1.09 -5.66 2.78
C SER A 28 -1.04 -7.19 2.90
N LEU A 29 -1.54 -7.72 4.00
CA LEU A 29 -1.63 -9.17 4.18
C LEU A 29 -2.78 -9.71 3.34
N ILE A 30 -2.51 -10.67 2.46
CA ILE A 30 -3.57 -11.24 1.64
C ILE A 30 -3.90 -12.69 1.98
N ASN A 31 -3.02 -13.40 2.67
CA ASN A 31 -3.39 -14.62 3.39
C ASN A 31 -2.32 -14.82 4.46
N SER A 32 -2.42 -15.92 5.20
CA SER A 32 -1.55 -16.05 6.35
C SER A 32 -0.07 -16.10 5.98
N GLN A 33 0.25 -16.37 4.69
CA GLN A 33 1.62 -16.57 4.28
C GLN A 33 2.14 -15.50 3.32
N TRP A 34 1.31 -14.57 2.87
CA TRP A 34 1.67 -13.71 1.76
C TRP A 34 1.23 -12.26 1.96
N VAL A 35 2.13 -11.36 1.59
CA VAL A 35 1.93 -9.91 1.62
C VAL A 35 2.13 -9.36 0.21
N VAL A 36 1.30 -8.39 -0.15
N VAL A 36 1.29 -8.40 -0.18
CA VAL A 36 1.45 -7.63 -1.39
CA VAL A 36 1.52 -7.68 -1.44
C VAL A 36 1.97 -6.24 -1.06
C VAL A 36 1.94 -6.25 -1.12
N SER A 37 2.96 -5.79 -1.83
CA SER A 37 3.51 -4.45 -1.67
C SER A 37 3.88 -3.93 -3.05
N ALA A 38 4.59 -2.81 -3.07
CA ALA A 38 5.07 -2.22 -4.31
C ALA A 38 6.42 -2.81 -4.69
N ALA A 39 6.61 -3.07 -5.98
CA ALA A 39 7.93 -3.50 -6.46
C ALA A 39 9.04 -2.49 -6.12
N HIS A 40 8.73 -1.19 -6.10
CA HIS A 40 9.78 -0.23 -5.78
C HIS A 40 10.18 -0.29 -4.31
N CYS A 41 9.48 -1.08 -3.50
CA CYS A 41 9.87 -1.35 -2.13
C CYS A 41 10.80 -2.56 -2.01
N TYR A 42 11.17 -3.18 -3.12
CA TYR A 42 11.99 -4.38 -3.04
C TYR A 42 13.33 -4.11 -2.38
N LYS A 43 13.72 -5.00 -1.47
CA LYS A 43 15.09 -5.11 -1.00
C LYS A 43 15.21 -6.48 -0.36
N SER A 44 16.45 -6.88 -0.13
CA SER A 44 16.68 -8.11 0.63
C SER A 44 16.60 -7.83 2.13
N GLY A 45 16.42 -8.90 2.90
CA GLY A 45 16.40 -8.78 4.34
C GLY A 45 15.18 -8.14 4.95
N ILE A 46 14.01 -8.40 4.39
CA ILE A 46 12.78 -7.77 4.86
C ILE A 46 12.22 -8.56 6.03
N GLN A 47 11.85 -7.86 7.11
CA GLN A 47 11.00 -8.41 8.16
C GLN A 47 9.62 -7.76 8.05
N VAL A 48 8.60 -8.60 8.01
CA VAL A 48 7.22 -8.13 7.95
C VAL A 48 6.72 -7.98 9.39
N ARG A 49 6.17 -6.82 9.70
CA ARG A 49 5.64 -6.52 11.02
C ARG A 49 4.13 -6.36 10.92
N LEU A 50 3.41 -7.28 11.55
CA LEU A 50 1.95 -7.32 11.55
C LEU A 50 1.45 -6.92 12.92
N GLY A 51 0.17 -6.52 12.96
CA GLY A 51 -0.44 -6.12 14.22
C GLY A 51 0.11 -4.84 14.81
N GLU A 52 0.72 -3.97 13.99
CA GLU A 52 1.33 -2.74 14.47
C GLU A 52 0.33 -1.61 14.58
N ASP A 53 0.48 -0.83 15.65
CA ASP A 53 -0.02 0.53 15.63
C ASP A 53 1.14 1.52 15.76
N ASN A 54 1.65 1.74 16.96
CA ASN A 54 2.87 2.54 17.09
C ASN A 54 4.05 1.68 16.66
N ILE A 55 4.69 2.05 15.54
CA ILE A 55 5.80 1.25 15.03
C ILE A 55 7.07 1.41 15.84
N ASN A 56 7.11 2.34 16.81
CA ASN A 56 8.26 2.53 17.65
C ASN A 56 8.10 1.93 19.03
N VAL A 57 6.96 1.30 19.33
CA VAL A 57 6.67 0.80 20.68
C VAL A 57 6.04 -0.58 20.54
N VAL A 58 6.53 -1.54 21.32
CA VAL A 58 5.90 -2.87 21.38
C VAL A 58 4.69 -2.74 22.28
N GLU A 59 3.50 -2.90 21.70
CA GLU A 59 2.26 -2.71 22.41
C GLU A 59 1.53 -3.99 22.76
N GLY A 60 1.91 -5.12 22.17
CA GLY A 60 1.46 -6.42 22.61
C GLY A 60 0.73 -7.25 21.58
N ASN A 61 0.40 -6.70 20.41
CA ASN A 61 -0.31 -7.48 19.40
C ASN A 61 0.51 -7.71 18.14
N GLU A 62 1.81 -7.42 18.18
CA GLU A 62 2.62 -7.53 17.00
C GLU A 62 3.03 -8.97 16.73
N GLN A 63 3.26 -9.25 15.45
CA GLN A 63 3.98 -10.43 14.99
C GLN A 63 5.05 -9.95 14.04
N PHE A 64 6.29 -10.37 14.29
CA PHE A 64 7.43 -10.03 13.45
C PHE A 64 7.87 -11.31 12.74
N ILE A 65 7.82 -11.33 11.41
CA ILE A 65 8.11 -12.54 10.66
C ILE A 65 9.00 -12.18 9.47
N SER A 66 10.15 -12.84 9.36
CA SER A 66 11.03 -12.58 8.23
C SER A 66 10.43 -13.10 6.95
N ALA A 67 10.71 -12.40 5.85
CA ALA A 67 10.37 -12.88 4.52
C ALA A 67 11.29 -14.01 4.10
N SER A 68 10.72 -15.04 3.48
CA SER A 68 11.50 -16.12 2.90
C SER A 68 11.79 -15.92 1.42
N LYS A 69 10.95 -15.16 0.73
CA LYS A 69 11.15 -14.88 -0.69
C LYS A 69 10.36 -13.64 -1.04
N SER A 70 10.85 -12.94 -2.04
CA SER A 70 10.13 -11.83 -2.65
C SER A 70 10.03 -12.10 -4.15
N ILE A 71 8.92 -11.71 -4.74
CA ILE A 71 8.67 -11.89 -6.17
C ILE A 71 8.20 -10.57 -6.73
N VAL A 72 9.07 -9.90 -7.49
CA VAL A 72 8.72 -8.67 -8.20
C VAL A 72 7.99 -9.04 -9.48
N HIS A 73 7.00 -8.24 -9.86
CA HIS A 73 6.26 -8.54 -11.07
C HIS A 73 7.19 -8.69 -12.26
N PRO A 74 6.95 -9.67 -13.14
CA PRO A 74 7.86 -9.89 -14.27
C PRO A 74 8.03 -8.68 -15.16
N SER A 75 7.04 -7.81 -15.26
CA SER A 75 7.07 -6.67 -16.16
C SER A 75 7.33 -5.36 -15.45
N TYR A 76 7.73 -5.39 -14.18
CA TYR A 76 8.01 -4.16 -13.47
C TYR A 76 9.09 -3.37 -14.19
N ASN A 77 8.82 -2.08 -14.39
CA ASN A 77 9.78 -1.15 -14.98
C ASN A 77 10.10 -0.09 -13.93
N SER A 78 11.33 -0.11 -13.43
CA SER A 78 11.72 0.80 -12.36
C SER A 78 11.83 2.25 -12.82
N ASN A 79 11.93 2.49 -14.12
CA ASN A 79 12.01 3.87 -14.61
C ASN A 79 10.65 4.54 -14.62
N THR A 80 9.60 3.83 -15.03
CA THR A 80 8.25 4.37 -15.15
C THR A 80 7.33 3.94 -14.02
N LEU A 81 7.74 2.96 -13.23
CA LEU A 81 6.92 2.32 -12.20
C LEU A 81 5.69 1.61 -12.77
N ASN A 82 5.69 1.30 -14.06
CA ASN A 82 4.64 0.42 -14.58
C ASN A 82 4.78 -0.97 -13.96
N ASN A 83 3.64 -1.53 -13.53
CA ASN A 83 3.58 -2.85 -12.89
C ASN A 83 4.29 -2.85 -11.53
N ASP A 84 3.99 -1.83 -10.71
CA ASP A 84 4.66 -1.62 -9.42
C ASP A 84 3.98 -2.48 -8.34
N ILE A 85 4.28 -3.77 -8.39
CA ILE A 85 3.68 -4.75 -7.49
C ILE A 85 4.68 -5.86 -7.23
N MET A 86 4.70 -6.33 -5.98
N MET A 86 4.65 -6.37 -6.00
CA MET A 86 5.52 -7.47 -5.62
CA MET A 86 5.58 -7.39 -5.53
C MET A 86 4.79 -8.26 -4.56
C MET A 86 4.89 -8.23 -4.46
N LEU A 87 5.17 -9.54 -4.46
CA LEU A 87 4.67 -10.45 -3.45
C LEU A 87 5.80 -10.82 -2.50
N ILE A 88 5.48 -10.93 -1.21
CA ILE A 88 6.43 -11.29 -0.17
C ILE A 88 5.88 -12.49 0.58
N LYS A 89 6.64 -13.58 0.63
CA LYS A 89 6.22 -14.75 1.40
C LYS A 89 6.84 -14.72 2.78
N LEU A 90 6.04 -15.06 3.78
CA LEU A 90 6.48 -15.13 5.16
C LEU A 90 7.11 -16.48 5.45
N LYS A 91 8.21 -16.45 6.21
CA LYS A 91 8.92 -17.69 6.52
C LYS A 91 8.09 -18.64 7.37
N SER A 92 7.19 -18.10 8.19
CA SER A 92 6.21 -18.87 8.94
C SER A 92 4.87 -18.15 8.81
N ALA A 93 3.80 -18.94 8.83
CA ALA A 93 2.48 -18.35 8.65
C ALA A 93 2.16 -17.42 9.82
N ALA A 94 1.58 -16.27 9.52
CA ALA A 94 1.06 -15.41 10.57
C ALA A 94 -0.09 -16.11 11.29
N SER A 95 -0.21 -15.82 12.59
CA SER A 95 -1.34 -16.28 13.38
C SER A 95 -2.46 -15.27 13.18
N LEU A 96 -3.51 -15.65 12.47
CA LEU A 96 -4.55 -14.70 12.11
C LEU A 96 -5.50 -14.51 13.29
N ASN A 97 -5.84 -13.25 13.54
CA ASN A 97 -6.71 -12.88 14.65
C ASN A 97 -7.36 -11.54 14.29
N SER A 98 -8.12 -10.98 15.24
CA SER A 98 -8.87 -9.76 14.92
C SER A 98 -7.96 -8.58 14.59
N ARG A 99 -6.70 -8.61 15.03
CA ARG A 99 -5.76 -7.53 14.78
C ARG A 99 -4.75 -7.83 13.69
N VAL A 100 -4.75 -9.07 13.16
CA VAL A 100 -3.85 -9.50 12.11
C VAL A 100 -4.72 -10.28 11.14
N ALA A 101 -5.13 -9.65 10.04
CA ALA A 101 -6.17 -10.21 9.20
C ALA A 101 -5.85 -9.91 7.75
N SER A 102 -6.26 -10.80 6.86
CA SER A 102 -6.02 -10.60 5.45
C SER A 102 -7.11 -9.72 4.84
N ILE A 103 -6.75 -9.07 3.71
CA ILE A 103 -7.70 -8.29 2.91
C ILE A 103 -7.96 -9.04 1.61
N SER A 104 -9.23 -9.09 1.21
CA SER A 104 -9.62 -9.77 -0.01
C SER A 104 -9.13 -9.06 -1.26
N LEU A 105 -8.82 -9.86 -2.28
CA LEU A 105 -8.46 -9.33 -3.58
C LEU A 105 -9.71 -8.97 -4.39
N PRO A 106 -9.58 -8.02 -5.32
CA PRO A 106 -10.72 -7.64 -6.15
C PRO A 106 -11.21 -8.80 -6.99
N THR A 107 -12.53 -8.82 -7.23
CA THR A 107 -13.13 -9.66 -8.24
C THR A 107 -13.36 -8.90 -9.55
N SER A 108 -13.29 -7.57 -9.52
CA SER A 108 -13.37 -6.68 -10.69
C SER A 108 -12.76 -5.35 -10.27
N CYS A 109 -12.53 -4.47 -11.25
CA CYS A 109 -11.96 -3.17 -10.94
C CYS A 109 -13.02 -2.25 -10.37
N ALA A 110 -12.58 -1.29 -9.57
CA ALA A 110 -13.50 -0.36 -8.95
C ALA A 110 -13.68 0.87 -9.82
N SER A 111 -14.83 1.52 -9.66
CA SER A 111 -15.21 2.65 -10.49
C SER A 111 -14.65 3.96 -9.96
N ALA A 112 -14.45 4.91 -10.87
CA ALA A 112 -14.17 6.27 -10.42
C ALA A 112 -15.29 6.72 -9.50
N GLY A 113 -14.91 7.48 -8.47
CA GLY A 113 -15.83 7.97 -7.48
C GLY A 113 -16.02 7.06 -6.29
N THR A 114 -15.60 5.80 -6.38
CA THR A 114 -15.70 4.92 -5.23
C THR A 114 -14.77 5.42 -4.14
N GLN A 115 -15.25 5.41 -2.91
CA GLN A 115 -14.45 5.86 -1.79
C GLN A 115 -13.58 4.72 -1.29
N CYS A 116 -12.33 5.06 -0.95
CA CYS A 116 -11.35 4.08 -0.52
C CYS A 116 -10.67 4.58 0.74
N LEU A 117 -10.07 3.63 1.46
CA LEU A 117 -9.26 3.91 2.64
C LEU A 117 -7.79 3.67 2.30
N ILE A 118 -6.97 4.70 2.44
CA ILE A 118 -5.53 4.64 2.25
C ILE A 118 -4.90 4.82 3.61
N SER A 119 -3.84 4.06 3.91
CA SER A 119 -3.28 4.06 5.26
C SER A 119 -1.77 3.87 5.22
N GLY A 120 -1.10 4.35 6.25
CA GLY A 120 0.34 4.19 6.32
C GLY A 120 0.96 5.05 7.41
N TRP A 121 2.27 4.83 7.58
CA TRP A 121 3.11 5.50 8.56
C TRP A 121 4.00 6.57 7.95
N GLY A 122 3.65 7.04 6.76
CA GLY A 122 4.44 8.02 6.06
C GLY A 122 4.32 9.44 6.60
N ASN A 123 5.10 10.31 5.98
CA ASN A 123 5.13 11.74 6.30
C ASN A 123 3.72 12.32 6.32
N THR A 124 3.47 13.19 7.30
CA THR A 124 2.17 13.85 7.43
C THR A 124 2.18 15.30 6.99
N LYS A 125 3.31 15.80 6.50
CA LYS A 125 3.45 17.20 6.11
C LYS A 125 3.55 17.33 4.60
N SER A 126 2.78 18.26 4.02
CA SER A 126 2.89 18.53 2.58
C SER A 126 4.12 19.36 2.22
N SER A 127 4.66 20.10 3.18
CA SER A 127 5.94 20.78 3.03
C SER A 127 6.72 20.54 4.31
N GLY A 128 7.88 19.92 4.20
CA GLY A 128 8.63 19.52 5.37
C GLY A 128 8.43 18.05 5.69
N THR A 129 8.86 17.67 6.89
CA THR A 129 8.91 16.27 7.29
C THR A 129 8.49 16.10 8.74
N SER A 130 7.47 15.25 8.96
CA SER A 130 7.11 14.77 10.28
C SER A 130 6.53 13.37 10.13
N TYR A 131 7.12 12.41 10.81
CA TYR A 131 6.61 11.05 10.75
C TYR A 131 5.80 10.71 12.00
N PRO A 132 4.65 10.03 11.87
N PRO A 132 4.61 10.15 11.80
CA PRO A 132 3.66 9.97 12.98
CA PRO A 132 3.82 9.66 12.93
C PRO A 132 3.78 8.85 14.00
C PRO A 132 4.33 8.28 13.30
N ASP A 133 4.50 7.79 13.67
N ASP A 133 4.33 8.00 14.59
CA ASP A 133 4.64 6.63 14.56
CA ASP A 133 4.64 6.66 15.02
C ASP A 133 3.40 5.76 14.68
C ASP A 133 3.42 5.76 14.96
N VAL A 134 2.21 6.33 14.89
CA VAL A 134 0.98 5.55 14.84
C VAL A 134 0.39 5.61 13.42
N LEU A 135 -0.43 4.61 13.10
CA LEU A 135 -0.96 4.47 11.75
C LEU A 135 -1.96 5.57 11.44
N LYS A 136 -1.80 6.19 10.27
CA LYS A 136 -2.70 7.21 9.78
C LYS A 136 -3.58 6.66 8.66
N CYS A 137 -4.77 7.22 8.54
CA CYS A 137 -5.80 6.79 7.61
C CYS A 137 -6.31 7.99 6.83
N LEU A 138 -6.77 7.74 5.61
CA LEU A 138 -7.33 8.76 4.75
C LEU A 138 -8.44 8.14 3.90
N LYS A 139 -9.62 8.75 3.92
CA LYS A 139 -10.68 8.39 3.00
C LYS A 139 -10.53 9.24 1.74
N ALA A 140 -10.48 8.58 0.58
CA ALA A 140 -10.24 9.30 -0.65
C ALA A 140 -10.90 8.59 -1.83
N PRO A 141 -11.48 9.32 -2.78
CA PRO A 141 -12.12 8.67 -3.92
C PRO A 141 -11.14 8.38 -5.05
N ILE A 142 -11.49 7.34 -5.81
CA ILE A 142 -10.81 7.09 -7.07
C ILE A 142 -11.16 8.21 -8.03
N LEU A 143 -10.15 8.77 -8.68
CA LEU A 143 -10.35 9.83 -9.64
C LEU A 143 -10.50 9.26 -11.05
N SER A 144 -11.17 10.02 -11.90
CA SER A 144 -11.33 9.61 -13.29
C SER A 144 -9.96 9.42 -13.95
N ASP A 145 -9.90 8.45 -14.87
CA ASP A 145 -8.65 8.25 -15.61
C ASP A 145 -8.22 9.50 -16.36
N SER A 146 -9.18 10.29 -16.89
CA SER A 146 -8.80 11.50 -17.62
C SER A 146 -8.19 12.55 -16.70
N SER A 147 -8.72 12.72 -15.50
CA SER A 147 -8.08 13.67 -14.59
C SER A 147 -6.70 13.18 -14.17
N CYS A 148 -6.52 11.87 -14.00
CA CYS A 148 -5.22 11.31 -13.65
C CYS A 148 -4.20 11.56 -14.76
N LYS A 149 -4.56 11.21 -16.00
CA LYS A 149 -3.66 11.42 -17.14
C LYS A 149 -3.39 12.90 -17.40
N SER A 150 -4.37 13.78 -17.14
CA SER A 150 -4.14 15.21 -17.27
C SER A 150 -3.13 15.70 -16.24
N ALA A 151 -3.15 15.14 -15.04
CA ALA A 151 -2.21 15.54 -14.01
C ALA A 151 -0.79 15.08 -14.33
N TYR A 152 -0.65 13.93 -14.98
CA TYR A 152 0.66 13.34 -15.26
C TYR A 152 0.70 12.90 -16.72
N PRO A 153 0.68 13.86 -17.65
CA PRO A 153 0.69 13.48 -19.07
C PRO A 153 1.90 12.63 -19.41
N GLY A 154 1.64 11.57 -20.18
CA GLY A 154 2.66 10.67 -20.64
C GLY A 154 3.17 9.68 -19.63
N GLN A 155 2.61 9.65 -18.41
CA GLN A 155 3.14 8.81 -17.34
C GLN A 155 2.16 7.77 -16.80
N ILE A 156 0.87 7.85 -17.11
CA ILE A 156 -0.12 6.95 -16.54
C ILE A 156 -0.39 5.83 -17.52
N THR A 157 -0.24 4.59 -17.06
CA THR A 157 -0.59 3.42 -17.85
C THR A 157 -1.91 2.83 -17.37
N SER A 158 -2.38 1.81 -18.09
CA SER A 158 -3.58 1.11 -17.69
C SER A 158 -3.42 0.35 -16.37
N ASN A 159 -2.20 0.28 -15.84
CA ASN A 159 -1.94 -0.41 -14.58
C ASN A 159 -1.83 0.56 -13.41
N MET A 160 -2.33 1.77 -13.60
CA MET A 160 -2.25 2.82 -12.59
C MET A 160 -3.58 3.53 -12.51
N PHE A 161 -3.90 4.05 -11.31
CA PHE A 161 -5.02 4.95 -11.13
C PHE A 161 -4.65 6.02 -10.12
N CYS A 162 -5.34 7.13 -10.20
CA CYS A 162 -5.17 8.19 -9.23
C CYS A 162 -6.34 8.16 -8.23
N ALA A 163 -6.03 8.56 -7.00
CA ALA A 163 -7.03 8.71 -5.96
C ALA A 163 -6.63 9.89 -5.09
N GLY A 164 -7.64 10.54 -4.52
CA GLY A 164 -7.39 11.70 -3.68
C GLY A 164 -8.23 12.89 -4.11
N TYR A 165 -7.60 14.07 -4.08
CA TYR A 165 -8.29 15.34 -4.20
C TYR A 165 -7.46 16.27 -5.06
N LEU A 166 -8.03 16.69 -6.20
CA LEU A 166 -7.29 17.59 -7.09
C LEU A 166 -7.00 18.92 -6.41
N GLU A 167 -7.82 19.34 -5.43
CA GLU A 167 -7.57 20.59 -4.72
C GLU A 167 -6.38 20.48 -3.76
N GLY A 168 -5.85 19.27 -3.55
CA GLY A 168 -4.75 19.09 -2.64
C GLY A 168 -5.21 18.97 -1.20
N GLY A 169 -4.23 18.90 -0.30
CA GLY A 169 -4.49 18.91 1.12
C GLY A 169 -4.57 17.53 1.76
N LYS A 170 -4.90 16.49 1.00
CA LYS A 170 -5.08 15.14 1.53
C LYS A 170 -4.47 14.17 0.53
N ASP A 171 -3.53 13.33 0.96
CA ASP A 171 -2.77 12.49 0.03
C ASP A 171 -1.93 11.50 0.81
N SER A 172 -1.40 10.50 0.10
CA SER A 172 -0.34 9.67 0.64
C SER A 172 0.99 10.41 0.48
N CYS A 173 2.04 9.91 1.13
CA CYS A 173 3.30 10.64 1.15
C CYS A 173 4.45 9.66 1.42
N GLN A 174 5.66 10.21 1.56
CA GLN A 174 6.86 9.39 1.70
C GLN A 174 6.73 8.46 2.89
N GLY A 175 7.01 7.17 2.66
CA GLY A 175 6.89 6.17 3.70
C GLY A 175 5.59 5.41 3.68
N ASP A 176 4.62 5.88 2.91
CA ASP A 176 3.37 5.16 2.68
C ASP A 176 3.48 4.15 1.53
N SER A 177 4.55 4.24 0.71
CA SER A 177 4.75 3.37 -0.44
C SER A 177 4.51 1.93 -0.07
N GLY A 178 3.83 1.22 -0.98
CA GLY A 178 3.59 -0.20 -0.81
C GLY A 178 2.33 -0.53 -0.03
N GLY A 179 1.73 0.45 0.65
CA GLY A 179 0.59 0.18 1.49
C GLY A 179 -0.69 0.12 0.72
N PRO A 180 -1.78 -0.14 1.44
CA PRO A 180 -3.08 -0.45 0.82
C PRO A 180 -3.93 0.76 0.43
N VAL A 181 -4.70 0.55 -0.64
CA VAL A 181 -5.90 1.33 -0.96
C VAL A 181 -7.04 0.32 -1.01
N VAL A 182 -7.97 0.41 -0.05
CA VAL A 182 -9.05 -0.55 0.07
C VAL A 182 -10.36 0.15 -0.25
N CYS A 183 -11.15 -0.46 -1.12
CA CYS A 183 -12.41 0.12 -1.56
C CYS A 183 -13.45 -0.99 -1.52
N SER A 184 -14.56 -0.76 -0.83
CA SER A 184 -15.62 -1.77 -0.74
C SER A 184 -15.08 -3.13 -0.31
N GLY A 185 -14.13 -3.12 0.62
CA GLY A 185 -13.62 -4.35 1.21
C GLY A 185 -12.62 -5.11 0.37
N LYS A 186 -12.11 -4.52 -0.70
CA LYS A 186 -11.16 -5.17 -1.59
C LYS A 186 -9.93 -4.30 -1.73
N LEU A 187 -8.77 -4.94 -1.85
CA LEU A 187 -7.50 -4.25 -2.08
C LEU A 187 -7.44 -3.84 -3.55
N GLN A 188 -7.79 -2.59 -3.84
CA GLN A 188 -7.77 -2.12 -5.23
C GLN A 188 -6.49 -1.39 -5.60
N GLY A 189 -5.72 -0.87 -4.65
CA GLY A 189 -4.53 -0.13 -4.99
C GLY A 189 -3.38 -0.39 -4.03
N ILE A 190 -2.19 -0.07 -4.52
CA ILE A 190 -0.95 -0.04 -3.76
C ILE A 190 -0.35 1.34 -3.93
N VAL A 191 0.07 1.96 -2.82
CA VAL A 191 0.68 3.28 -2.90
C VAL A 191 1.95 3.19 -3.76
N SER A 192 1.96 3.94 -4.86
CA SER A 192 3.02 3.78 -5.87
C SER A 192 3.87 5.03 -6.02
N TRP A 193 3.34 6.15 -6.51
CA TRP A 193 4.16 7.32 -6.75
C TRP A 193 3.30 8.56 -6.84
N GLY A 194 3.95 9.69 -6.99
CA GLY A 194 3.27 10.94 -7.29
C GLY A 194 4.29 12.05 -7.44
N SER A 195 3.81 13.28 -7.38
CA SER A 195 4.69 14.44 -7.37
C SER A 195 4.40 15.20 -6.11
N GLY A 196 5.35 15.18 -5.17
CA GLY A 196 5.08 15.79 -3.89
C GLY A 196 3.96 15.06 -3.17
N CYS A 197 3.40 15.75 -2.18
CA CYS A 197 2.28 15.23 -1.40
C CYS A 197 1.26 16.33 -1.17
N ALA A 198 0.00 16.02 -1.48
CA ALA A 198 -1.13 16.90 -1.19
C ALA A 198 -1.07 18.24 -1.92
N GLN A 199 -0.35 18.31 -3.03
CA GLN A 199 -0.30 19.51 -3.85
C GLN A 199 -1.48 19.53 -4.83
N LYS A 200 -1.87 20.73 -5.22
CA LYS A 200 -2.98 20.89 -6.16
C LYS A 200 -2.64 20.21 -7.47
N ASN A 201 -3.61 19.47 -8.01
CA ASN A 201 -3.51 18.83 -9.33
C ASN A 201 -2.40 17.78 -9.41
N LYS A 202 -1.99 17.23 -8.27
CA LYS A 202 -0.96 16.18 -8.23
C LYS A 202 -1.40 15.10 -7.24
N PRO A 203 -2.45 14.38 -7.57
CA PRO A 203 -2.94 13.31 -6.68
C PRO A 203 -1.96 12.15 -6.66
N GLY A 204 -2.10 11.32 -5.64
CA GLY A 204 -1.32 10.10 -5.59
C GLY A 204 -1.69 9.15 -6.73
N VAL A 205 -0.71 8.36 -7.15
CA VAL A 205 -0.84 7.33 -8.17
C VAL A 205 -0.64 5.97 -7.51
N TYR A 206 -1.50 5.02 -7.88
CA TYR A 206 -1.63 3.75 -7.18
C TYR A 206 -1.60 2.64 -8.21
N THR A 207 -0.95 1.53 -7.87
CA THR A 207 -0.96 0.37 -8.76
C THR A 207 -2.36 -0.22 -8.79
N LYS A 208 -2.82 -0.59 -9.99
CA LYS A 208 -4.20 -1.05 -10.19
C LYS A 208 -4.25 -2.56 -9.97
N VAL A 209 -4.51 -2.94 -8.71
CA VAL A 209 -4.41 -4.33 -8.29
C VAL A 209 -5.35 -5.25 -9.07
N CYS A 210 -6.52 -4.77 -9.48
CA CYS A 210 -7.47 -5.63 -10.16
C CYS A 210 -6.90 -6.21 -11.45
N ASN A 211 -5.88 -5.59 -12.04
CA ASN A 211 -5.25 -6.13 -13.23
C ASN A 211 -4.31 -7.29 -12.91
N TYR A 212 -3.99 -7.52 -11.64
CA TYR A 212 -2.96 -8.47 -11.23
C TYR A 212 -3.50 -9.67 -10.46
N VAL A 213 -4.82 -9.82 -10.34
CA VAL A 213 -5.35 -10.87 -9.46
C VAL A 213 -4.95 -12.26 -9.97
N SER A 214 -5.02 -12.49 -11.28
N SER A 214 -5.03 -12.48 -11.28
CA SER A 214 -4.64 -13.78 -11.82
CA SER A 214 -4.64 -13.78 -11.84
C SER A 214 -3.16 -14.07 -11.57
C SER A 214 -3.17 -14.06 -11.56
N TRP A 215 -2.30 -13.08 -11.79
CA TRP A 215 -0.89 -13.26 -11.50
C TRP A 215 -0.66 -13.52 -10.01
N ILE A 216 -1.35 -12.79 -9.13
CA ILE A 216 -1.18 -13.02 -7.69
C ILE A 216 -1.57 -14.45 -7.35
N LYS A 217 -2.75 -14.88 -7.78
CA LYS A 217 -3.24 -16.20 -7.39
C LYS A 217 -2.36 -17.31 -7.95
N GLN A 218 -1.93 -17.18 -9.21
CA GLN A 218 -1.08 -18.21 -9.80
C GLN A 218 0.29 -18.24 -9.14
N THR A 219 0.84 -17.06 -8.83
CA THR A 219 2.16 -17.00 -8.22
C THR A 219 2.16 -17.62 -6.82
N ILE A 220 1.15 -17.29 -6.00
N ILE A 220 1.16 -17.26 -6.01
CA ILE A 220 1.16 -17.84 -4.64
CA ILE A 220 1.08 -17.82 -4.66
C ILE A 220 0.87 -19.33 -4.66
C ILE A 220 0.94 -19.33 -4.73
N ALA A 221 0.10 -19.80 -5.65
CA ALA A 221 -0.18 -21.23 -5.74
C ALA A 221 1.04 -22.04 -6.16
N SER A 222 2.03 -21.41 -6.79
CA SER A 222 3.22 -22.11 -7.27
C SER A 222 4.46 -21.82 -6.45
N ASN A 223 4.34 -21.13 -5.31
CA ASN A 223 5.49 -20.68 -4.54
C ASN A 223 5.21 -20.84 -3.06
CA CA B . 4.33 -1.57 17.85
C1 AMH C . 6.00 8.32 -3.20
C1 AMH C . 5.62 8.35 -2.27
C2 AMH C . 4.73 7.55 -2.82
C2 AMH C . 4.29 7.61 -2.08
C3 AMH C . 3.48 8.24 -3.36
C3 AMH C . 3.19 8.27 -2.91
C4 AMH C . 3.37 9.67 -2.86
C4 AMH C . 3.00 9.73 -2.56
C5 AMH C . 4.64 10.44 -3.22
C5 AMH C . 4.33 10.45 -2.79
C6 AMH C . 5.89 9.75 -2.67
C6 AMH C . 5.45 9.84 -1.96
C7 AMH C . 2.13 10.36 -3.43
C7 AMH C . 1.88 10.37 -3.35
C8 AMH C . 7.23 7.61 -2.69
C8 AMH C . 6.70 7.74 -1.41
N AMH C . 1.98 11.70 -2.88
N AMH C . 1.60 11.72 -2.86
O1 AMH C . 7.98 7.01 -3.42
O1 AMH C . 6.46 6.87 -0.58
O2 AMH C . 7.39 7.69 -1.39
O2 AMH C . 7.89 8.27 -1.60
C1 EDO D . 10.56 -0.82 17.29
O1 EDO D . 11.44 -1.87 16.84
C2 EDO D . 9.67 -1.35 18.42
O2 EDO D . 9.10 -2.61 18.10
#